data_1OX0
#
_entry.id   1OX0
#
_cell.length_a   63.666
_cell.length_b   89.973
_cell.length_c   62.202
_cell.angle_alpha   90.00
_cell.angle_beta   90.00
_cell.angle_gamma   90.00
#
_symmetry.space_group_name_H-M   'P 21 21 2'
#
loop_
_entity.id
_entity.type
_entity.pdbx_description
1 polymer 'Beta ketoacyl-acyl carrier protein synthase'
2 non-polymer 'MAGNESIUM ION'
3 water water
#
_entity_poly.entity_id   1
_entity_poly.type   'polypeptide(L)'
_entity_poly.pdbx_seq_one_letter_code
;GSSHHHHHHSSGLVPRGSHMKLNRVVVTGYGVTSPIGNTPEEFWNSLATGKIGIGGITKFDHSDFDVHNAAEIQDFPFDK
YFVKKDTNRFDNYSLYALYAAQEAVNHANLDVEALNRDRFGVIVASGIGGIKEIEDQVLRLHEKGPKRVKPMTLPKALPN
MASGNVAMRFGANGVCKSINTACSSSNDAIGDAFRSIKFGFQDVMLVGGTEASITPFAIAGFQALTALSTTEDPTRASIP
FDKDRNGFVMGEGSGMLVLESLEHAEKRGATILAEVVGYGNTCDAYHMTSPHPEGQGAIKAIKLALEEAEISPEQVAYVN
AHGTSTPANEKGESGAIVAVLGKEVPVSSTKSFTGHLLGAAGAVEAIVTIEAMRHNFVPMTAGTSEVSDYIEANVVYGQG
LEKEIPYAISNTFGFGGHNAVLAFKRWENR
;
_entity_poly.pdbx_strand_id   A
#
loop_
_chem_comp.id
_chem_comp.type
_chem_comp.name
_chem_comp.formula
MG non-polymer 'MAGNESIUM ION' 'Mg 2'
#
# COMPACT_ATOMS: atom_id res chain seq x y z
N PRO A 15 5.92 -34.70 -18.50
CA PRO A 15 5.47 -33.56 -19.37
C PRO A 15 4.53 -32.61 -18.65
N ARG A 16 4.56 -31.37 -19.13
CA ARG A 16 3.67 -30.33 -18.68
C ARG A 16 2.44 -30.33 -19.57
N GLY A 17 1.29 -30.04 -18.97
CA GLY A 17 0.10 -29.85 -19.78
C GLY A 17 0.18 -28.70 -20.80
N SER A 18 -0.58 -28.83 -21.88
CA SER A 18 -0.82 -27.76 -22.87
C SER A 18 -1.64 -26.59 -22.27
N HIS A 19 -2.42 -26.92 -21.26
CA HIS A 19 -3.36 -25.99 -20.66
C HIS A 19 -3.13 -25.96 -19.17
N MET A 20 -3.41 -24.74 -18.57
CA MET A 20 -3.34 -24.62 -17.11
C MET A 20 -4.77 -24.41 -16.60
N LYS A 21 -5.23 -25.20 -15.61
CA LYS A 21 -6.52 -24.99 -14.97
C LYS A 21 -6.35 -23.92 -13.88
N LEU A 22 -7.04 -22.82 -14.03
CA LEU A 22 -6.89 -21.68 -13.13
C LEU A 22 -7.40 -21.98 -11.74
N ASN A 23 -6.74 -21.40 -10.72
CA ASN A 23 -7.15 -21.47 -9.32
C ASN A 23 -7.71 -20.16 -8.81
N ARG A 24 -8.60 -20.25 -7.83
CA ARG A 24 -9.08 -19.07 -7.09
C ARG A 24 -8.08 -18.75 -5.94
N VAL A 25 -8.08 -17.48 -5.52
CA VAL A 25 -7.10 -16.92 -4.59
C VAL A 25 -7.84 -16.11 -3.51
N VAL A 26 -7.54 -16.42 -2.25
CA VAL A 26 -8.24 -15.81 -1.13
C VAL A 26 -7.25 -15.18 -0.13
N VAL A 27 -7.74 -14.23 0.64
CA VAL A 27 -7.00 -13.55 1.71
C VAL A 27 -7.41 -14.17 3.03
N THR A 28 -6.46 -14.66 3.82
CA THR A 28 -6.78 -15.33 5.10
C THR A 28 -6.32 -14.54 6.32
N GLY A 29 -5.54 -13.47 6.14
CA GLY A 29 -5.05 -12.66 7.24
C GLY A 29 -4.31 -11.44 6.76
N TYR A 30 -4.15 -10.44 7.61
CA TYR A 30 -3.32 -9.29 7.30
C TYR A 30 -2.80 -8.62 8.54
N GLY A 31 -1.76 -7.80 8.37
CA GLY A 31 -1.10 -7.06 9.43
C GLY A 31 -0.73 -5.67 8.94
N VAL A 32 -0.64 -4.73 9.87
CA VAL A 32 -0.37 -3.34 9.53
C VAL A 32 0.35 -2.61 10.65
N THR A 33 1.32 -1.76 10.29
CA THR A 33 1.79 -0.69 11.16
C THR A 33 1.69 0.61 10.35
N SER A 34 1.06 1.65 10.91
CA SER A 34 0.72 2.82 10.16
C SER A 34 0.46 4.01 11.07
N PRO A 35 0.36 5.20 10.50
CA PRO A 35 0.09 6.39 11.32
C PRO A 35 -1.25 6.43 11.99
N ILE A 36 -2.18 5.51 11.67
CA ILE A 36 -3.49 5.50 12.32
C ILE A 36 -3.73 4.21 13.07
N GLY A 37 -2.74 3.37 13.21
CA GLY A 37 -2.84 2.18 14.03
C GLY A 37 -1.96 1.02 13.62
N ASN A 38 -1.75 0.10 14.55
CA ASN A 38 -0.85 -1.04 14.40
C ASN A 38 -1.51 -2.38 14.58
N THR A 39 -2.85 -2.40 14.52
CA THR A 39 -3.66 -3.63 14.41
C THR A 39 -4.79 -3.29 13.47
N PRO A 40 -5.41 -4.26 12.77
CA PRO A 40 -6.62 -3.96 11.99
C PRO A 40 -7.73 -3.28 12.81
N GLU A 41 -7.91 -3.68 14.05
CA GLU A 41 -8.94 -3.06 14.91
C GLU A 41 -8.65 -1.56 15.18
N GLU A 42 -7.42 -1.21 15.53
CA GLU A 42 -7.04 0.19 15.77
C GLU A 42 -7.15 1.01 14.48
N PHE A 43 -6.64 0.41 13.41
CA PHE A 43 -6.62 1.00 12.09
C PHE A 43 -8.06 1.31 11.62
N TRP A 44 -8.94 0.32 11.68
CA TRP A 44 -10.33 0.56 11.32
C TRP A 44 -11.00 1.57 12.23
N ASN A 45 -10.72 1.48 13.54
CA ASN A 45 -11.35 2.44 14.47
C ASN A 45 -11.03 3.86 14.08
N SER A 46 -9.79 4.14 13.68
CA SER A 46 -9.43 5.51 13.25
C SER A 46 -10.27 5.96 12.04
N LEU A 47 -10.42 5.07 11.05
CA LEU A 47 -11.27 5.35 9.89
C LEU A 47 -12.74 5.64 10.28
N ALA A 48 -13.27 4.79 11.17
CA ALA A 48 -14.69 4.88 11.55
C ALA A 48 -15.01 6.10 12.43
N THR A 49 -14.02 6.69 13.10
CA THR A 49 -14.19 7.82 14.00
C THR A 49 -13.69 9.09 13.38
N GLY A 50 -13.03 9.04 12.23
CA GLY A 50 -12.54 10.22 11.57
C GLY A 50 -11.25 10.79 12.15
N LYS A 51 -10.39 9.94 12.72
CA LYS A 51 -9.11 10.37 13.34
C LYS A 51 -7.95 10.18 12.35
N ILE A 52 -7.43 11.30 11.85
CA ILE A 52 -6.29 11.24 10.91
C ILE A 52 -4.99 11.04 11.62
N GLY A 53 -3.95 10.70 10.88
CA GLY A 53 -2.60 10.47 11.39
C GLY A 53 -1.56 11.50 10.98
N ILE A 54 -2.00 12.60 10.37
CA ILE A 54 -1.08 13.65 9.94
C ILE A 54 -0.86 14.65 11.08
N GLY A 55 0.39 15.05 11.29
CA GLY A 55 0.75 16.09 12.25
C GLY A 55 2.13 16.61 11.99
N GLY A 56 2.64 17.42 12.91
CA GLY A 56 3.96 17.99 12.75
C GLY A 56 5.03 16.90 12.71
N ILE A 57 6.06 17.10 11.88
CA ILE A 57 7.18 16.18 11.84
C ILE A 57 7.95 16.19 13.14
N THR A 58 8.29 15.01 13.62
CA THR A 58 9.16 14.83 14.81
C THR A 58 10.42 14.02 14.55
N LYS A 59 10.54 13.35 13.39
CA LYS A 59 11.67 12.47 13.18
C LYS A 59 12.99 13.18 12.90
N PHE A 60 12.93 14.44 12.47
CA PHE A 60 14.11 15.25 12.28
C PHE A 60 13.74 16.72 12.43
N ASP A 61 14.76 17.56 12.54
CA ASP A 61 14.60 19.01 12.60
C ASP A 61 14.25 19.54 11.20
N HIS A 62 13.02 20.02 11.06
CA HIS A 62 12.49 20.42 9.75
C HIS A 62 12.39 21.97 9.66
N SER A 63 13.03 22.68 10.59
CA SER A 63 13.06 24.15 10.59
C SER A 63 13.47 24.79 9.25
N ASP A 64 14.41 24.19 8.54
CA ASP A 64 14.87 24.75 7.27
C ASP A 64 14.07 24.32 6.04
N PHE A 65 13.06 23.50 6.25
CA PHE A 65 12.26 22.96 5.17
C PHE A 65 11.03 23.86 4.94
N ASP A 66 10.35 23.63 3.83
CA ASP A 66 9.09 24.24 3.50
C ASP A 66 7.90 23.39 3.87
N VAL A 67 8.16 22.13 4.21
CA VAL A 67 7.18 21.15 4.59
C VAL A 67 7.45 20.78 6.04
N HIS A 68 6.42 20.86 6.87
CA HIS A 68 6.55 20.68 8.32
C HIS A 68 5.61 19.60 8.86
N ASN A 69 4.85 18.92 7.99
CA ASN A 69 3.92 17.86 8.37
C ASN A 69 4.24 16.54 7.69
N ALA A 70 3.84 15.45 8.35
CA ALA A 70 3.97 14.09 7.85
C ALA A 70 3.01 13.20 8.62
N ALA A 71 2.77 11.99 8.15
CA ALA A 71 1.99 11.00 8.89
C ALA A 71 2.99 9.98 9.41
N GLU A 72 3.33 10.08 10.72
CA GLU A 72 4.32 9.22 11.33
C GLU A 72 3.69 8.11 12.13
N ILE A 73 4.44 7.03 12.30
CA ILE A 73 4.15 6.02 13.31
C ILE A 73 4.92 6.48 14.56
N GLN A 74 4.18 6.99 15.55
CA GLN A 74 4.84 7.52 16.75
C GLN A 74 4.79 6.58 17.94
N ASP A 75 4.18 5.42 17.73
CA ASP A 75 3.96 4.39 18.75
C ASP A 75 4.32 2.98 18.22
N PHE A 76 5.37 2.87 17.36
CA PHE A 76 5.68 1.55 16.79
C PHE A 76 5.89 0.51 17.91
N PRO A 77 5.21 -0.64 17.88
CA PRO A 77 5.37 -1.63 18.99
C PRO A 77 6.65 -2.48 18.85
N PHE A 78 7.79 -1.80 18.93
CA PHE A 78 9.13 -2.41 18.74
C PHE A 78 9.29 -3.65 19.65
N ASP A 79 8.85 -3.52 20.90
CA ASP A 79 9.12 -4.55 21.93
C ASP A 79 8.32 -5.82 21.70
N LYS A 80 7.29 -5.80 20.86
CA LYS A 80 6.47 -6.99 20.72
C LYS A 80 7.31 -8.14 20.17
N TYR A 81 8.10 -7.84 19.12
CA TYR A 81 8.93 -8.85 18.44
C TYR A 81 10.44 -8.63 18.45
N PHE A 82 10.91 -7.42 18.76
CA PHE A 82 12.32 -7.07 18.54
C PHE A 82 13.02 -6.78 19.86
N VAL A 83 14.32 -6.84 19.80
CA VAL A 83 15.22 -6.43 20.88
C VAL A 83 16.22 -5.42 20.35
N LYS A 84 16.93 -4.71 21.22
CA LYS A 84 17.81 -3.65 20.78
C LYS A 84 18.80 -4.06 19.70
N LYS A 85 19.36 -5.26 19.80
CA LYS A 85 20.33 -5.69 18.82
C LYS A 85 19.78 -5.79 17.40
N ASP A 86 18.46 -5.93 17.27
CA ASP A 86 17.86 -5.97 15.92
C ASP A 86 18.05 -4.68 15.11
N THR A 87 18.28 -3.54 15.76
CA THR A 87 18.59 -2.34 15.00
C THR A 87 19.97 -2.39 14.31
N ASN A 88 20.83 -3.31 14.73
CA ASN A 88 22.09 -3.52 14.04
C ASN A 88 21.92 -4.16 12.67
N ARG A 89 20.83 -4.87 12.53
CA ARG A 89 20.57 -5.70 11.36
C ARG A 89 19.49 -5.15 10.42
N PHE A 90 18.55 -4.37 10.97
CA PHE A 90 17.35 -3.96 10.26
C PHE A 90 17.16 -2.44 10.31
N ASP A 91 17.04 -1.77 9.14
CA ASP A 91 16.50 -0.41 9.02
C ASP A 91 15.02 -0.46 9.43
N ASN A 92 14.41 0.69 9.74
CA ASN A 92 12.98 0.69 10.00
C ASN A 92 12.17 0.13 8.83
N TYR A 93 12.61 0.30 7.60
CA TYR A 93 11.81 -0.23 6.50
C TYR A 93 11.64 -1.74 6.59
N SER A 94 12.66 -2.46 7.09
CA SER A 94 12.52 -3.89 7.35
C SER A 94 11.74 -4.17 8.63
N LEU A 95 11.98 -3.41 9.70
CA LEU A 95 11.24 -3.62 10.97
C LEU A 95 9.73 -3.57 10.73
N TYR A 96 9.29 -2.57 9.98
CA TYR A 96 7.85 -2.40 9.74
C TYR A 96 7.28 -3.61 9.02
N ALA A 97 8.00 -4.11 8.00
CA ALA A 97 7.55 -5.27 7.24
C ALA A 97 7.53 -6.54 8.07
N LEU A 98 8.55 -6.74 8.91
CA LEU A 98 8.61 -7.92 9.75
C LEU A 98 7.47 -7.92 10.78
N TYR A 99 7.18 -6.79 11.40
CA TYR A 99 6.07 -6.66 12.32
C TYR A 99 4.75 -6.98 11.58
N ALA A 100 4.51 -6.31 10.45
CA ALA A 100 3.23 -6.52 9.76
C ALA A 100 3.10 -7.95 9.29
N ALA A 101 4.20 -8.57 8.82
CA ALA A 101 4.15 -9.97 8.39
C ALA A 101 3.84 -10.91 9.55
N GLN A 102 4.48 -10.70 10.70
CA GLN A 102 4.14 -11.57 11.83
C GLN A 102 2.68 -11.41 12.23
N GLU A 103 2.19 -10.17 12.28
CA GLU A 103 0.77 -9.94 12.58
C GLU A 103 -0.14 -10.65 11.56
N ALA A 104 0.21 -10.61 10.26
CA ALA A 104 -0.61 -11.29 9.26
C ALA A 104 -0.63 -12.81 9.45
N VAL A 105 0.51 -13.41 9.72
CA VAL A 105 0.62 -14.85 9.99
C VAL A 105 -0.24 -15.22 11.20
N ASN A 106 -0.14 -14.43 12.26
CA ASN A 106 -0.97 -14.64 13.45
C ASN A 106 -2.45 -14.57 13.12
N HIS A 107 -2.85 -13.52 12.41
CA HIS A 107 -4.24 -13.30 12.05
C HIS A 107 -4.81 -14.48 11.24
N ALA A 108 -4.02 -15.02 10.32
CA ALA A 108 -4.40 -16.12 9.45
C ALA A 108 -4.37 -17.44 10.15
N ASN A 109 -3.84 -17.47 11.37
CA ASN A 109 -3.61 -18.75 12.08
C ASN A 109 -2.87 -19.74 11.19
N LEU A 110 -1.87 -19.20 10.50
CA LEU A 110 -1.03 -19.97 9.60
C LEU A 110 0.09 -20.61 10.41
N ASP A 111 0.21 -21.93 10.33
CA ASP A 111 1.28 -22.66 11.00
C ASP A 111 2.38 -22.94 9.99
N VAL A 112 3.42 -22.08 9.98
CA VAL A 112 4.44 -22.16 8.95
C VAL A 112 5.25 -23.46 9.00
N GLU A 113 5.23 -24.15 10.15
CA GLU A 113 5.88 -25.46 10.28
C GLU A 113 5.04 -26.64 9.70
N ALA A 114 3.79 -26.40 9.31
CA ALA A 114 2.93 -27.42 8.73
C ALA A 114 2.82 -27.29 7.17
N LEU A 115 3.39 -26.24 6.62
CA LEU A 115 3.28 -25.96 5.18
C LEU A 115 4.28 -26.73 4.37
N ASN A 116 3.98 -26.87 3.08
CA ASN A 116 5.01 -27.16 2.08
C ASN A 116 5.82 -25.88 1.87
N ARG A 117 6.98 -25.78 2.49
CA ARG A 117 7.77 -24.55 2.44
C ARG A 117 8.27 -24.21 1.05
N ASP A 118 8.35 -25.16 0.13
CA ASP A 118 8.71 -24.88 -1.25
C ASP A 118 7.63 -24.16 -2.03
N ARG A 119 6.41 -24.22 -1.52
CA ARG A 119 5.26 -23.61 -2.16
C ARG A 119 4.72 -22.39 -1.37
N PHE A 120 5.58 -21.88 -0.48
CA PHE A 120 5.33 -20.71 0.38
C PHE A 120 6.34 -19.63 -0.02
N GLY A 121 5.83 -18.48 -0.47
CA GLY A 121 6.66 -17.39 -0.95
C GLY A 121 6.36 -16.08 -0.31
N VAL A 122 7.18 -15.09 -0.63
CA VAL A 122 7.17 -13.73 -0.02
C VAL A 122 7.43 -12.67 -1.07
N ILE A 123 6.62 -11.61 -1.13
CA ILE A 123 6.95 -10.42 -1.91
C ILE A 123 6.80 -9.23 -0.97
N VAL A 124 7.87 -8.47 -0.77
CA VAL A 124 7.79 -7.25 0.03
C VAL A 124 8.24 -6.10 -0.90
N ALA A 125 7.28 -5.31 -1.36
CA ALA A 125 7.52 -4.15 -2.20
C ALA A 125 8.09 -2.98 -1.39
N SER A 126 8.86 -2.11 -2.00
CA SER A 126 9.33 -0.84 -1.43
C SER A 126 9.76 0.08 -2.55
N GLY A 127 9.45 1.37 -2.43
CA GLY A 127 9.88 2.34 -3.43
C GLY A 127 11.29 2.87 -3.26
N ILE A 128 11.78 2.90 -2.01
CA ILE A 128 13.05 3.56 -1.70
C ILE A 128 13.96 2.74 -0.79
N GLY A 129 13.45 1.73 -0.11
CA GLY A 129 14.27 0.90 0.76
C GLY A 129 14.79 1.63 1.96
N GLY A 130 15.97 1.23 2.44
CA GLY A 130 16.50 1.76 3.69
C GLY A 130 17.24 3.06 3.51
N ILE A 131 16.46 4.09 3.13
CA ILE A 131 17.02 5.38 2.76
C ILE A 131 17.60 6.14 3.94
N LYS A 132 17.13 5.92 5.18
CA LYS A 132 17.79 6.50 6.35
C LYS A 132 19.23 5.96 6.44
N GLU A 133 19.39 4.64 6.31
CA GLU A 133 20.71 4.02 6.35
C GLU A 133 21.63 4.61 5.29
N ILE A 134 21.12 4.80 4.09
CA ILE A 134 21.95 5.36 3.02
C ILE A 134 22.42 6.76 3.38
N GLU A 135 21.51 7.66 3.73
CA GLU A 135 21.90 9.03 4.07
C GLU A 135 22.93 9.05 5.20
N ASP A 136 22.68 8.29 6.26
CA ASP A 136 23.52 8.34 7.44
C ASP A 136 24.92 7.75 7.15
N GLN A 137 25.00 6.69 6.33
CA GLN A 137 26.30 6.09 6.01
C GLN A 137 27.04 6.87 4.92
N VAL A 138 26.35 7.53 4.00
CA VAL A 138 27.01 8.50 3.10
C VAL A 138 27.73 9.54 3.94
N LEU A 139 27.04 10.10 4.94
CA LEU A 139 27.66 11.10 5.77
C LEU A 139 28.85 10.51 6.55
N ARG A 140 28.72 9.31 7.09
CA ARG A 140 29.84 8.69 7.82
C ARG A 140 31.05 8.51 6.92
N LEU A 141 30.83 8.05 5.68
CA LEU A 141 31.88 7.92 4.69
C LEU A 141 32.63 9.23 4.54
N HIS A 142 31.89 10.33 4.34
CA HIS A 142 32.52 11.61 4.06
C HIS A 142 33.05 12.35 5.29
N GLU A 143 32.62 11.93 6.47
CA GLU A 143 33.18 12.50 7.74
C GLU A 143 34.43 11.74 8.19
N LYS A 144 34.45 10.43 8.04
CA LYS A 144 35.42 9.53 8.72
C LYS A 144 36.23 8.68 7.73
N GLY A 145 35.82 8.53 6.49
CA GLY A 145 36.50 7.70 5.50
C GLY A 145 35.81 6.31 5.30
N PRO A 146 36.16 5.60 4.22
CA PRO A 146 35.47 4.34 3.90
C PRO A 146 35.59 3.23 4.93
N LYS A 147 36.66 3.22 5.74
CA LYS A 147 36.85 2.14 6.70
C LYS A 147 35.85 2.19 7.81
N ARG A 148 35.19 3.31 7.97
CA ARG A 148 34.25 3.47 9.05
C ARG A 148 32.78 3.24 8.62
N VAL A 149 32.51 3.03 7.32
CA VAL A 149 31.16 2.63 6.90
C VAL A 149 30.79 1.31 7.58
N LYS A 150 29.59 1.21 8.11
CA LYS A 150 29.21 0.06 8.90
C LYS A 150 29.08 -1.23 8.07
N PRO A 151 29.56 -2.36 8.59
CA PRO A 151 29.40 -3.63 7.84
C PRO A 151 27.99 -3.94 7.38
N MET A 152 26.98 -3.59 8.19
CA MET A 152 25.58 -3.90 7.84
C MET A 152 24.91 -2.83 6.98
N THR A 153 25.66 -1.86 6.44
CA THR A 153 25.09 -0.82 5.64
C THR A 153 24.18 -1.37 4.53
N LEU A 154 24.75 -2.15 3.63
CA LEU A 154 23.96 -2.64 2.49
C LEU A 154 22.92 -3.70 2.88
N PRO A 155 23.20 -4.64 3.80
CA PRO A 155 22.12 -5.50 4.29
C PRO A 155 20.96 -4.75 4.86
N LYS A 156 21.16 -3.57 5.45
CA LYS A 156 20.11 -2.75 5.98
C LYS A 156 19.41 -1.90 4.86
N ALA A 157 20.19 -1.40 3.90
CA ALA A 157 19.74 -0.39 2.94
C ALA A 157 19.06 -0.95 1.72
N LEU A 158 19.61 -2.01 1.13
CA LEU A 158 19.18 -2.38 -0.23
C LEU A 158 17.68 -2.74 -0.23
N PRO A 159 16.93 -2.30 -1.25
CA PRO A 159 15.45 -2.44 -1.21
C PRO A 159 14.90 -3.85 -1.26
N ASN A 160 15.69 -4.85 -1.66
CA ASN A 160 15.22 -6.23 -1.68
C ASN A 160 15.31 -6.90 -0.32
N MET A 161 16.07 -6.35 0.60
CA MET A 161 16.43 -7.06 1.82
C MET A 161 15.22 -7.34 2.70
N ALA A 162 14.23 -6.43 2.75
CA ALA A 162 13.04 -6.69 3.57
C ALA A 162 12.36 -8.02 3.15
N SER A 163 12.28 -8.28 1.84
CA SER A 163 11.69 -9.52 1.38
C SER A 163 12.47 -10.75 1.88
N GLY A 164 13.80 -10.72 1.73
CA GLY A 164 14.62 -11.80 2.20
C GLY A 164 14.53 -11.96 3.72
N ASN A 165 14.44 -10.85 4.45
CA ASN A 165 14.31 -10.91 5.91
C ASN A 165 12.98 -11.59 6.31
N VAL A 166 11.90 -11.23 5.65
CA VAL A 166 10.60 -11.85 5.95
C VAL A 166 10.64 -13.35 5.60
N ALA A 167 11.26 -13.72 4.48
CA ALA A 167 11.36 -15.12 4.12
C ALA A 167 12.16 -15.90 5.18
N MET A 168 13.25 -15.33 5.66
CA MET A 168 14.07 -16.00 6.65
C MET A 168 13.23 -16.21 7.96
N ARG A 169 12.45 -15.21 8.38
CA ARG A 169 11.69 -15.30 9.62
C ARG A 169 10.72 -16.45 9.57
N PHE A 170 10.11 -16.72 8.42
CA PHE A 170 9.05 -17.70 8.33
C PHE A 170 9.42 -18.99 7.63
N GLY A 171 10.68 -19.14 7.17
CA GLY A 171 11.11 -20.32 6.43
C GLY A 171 10.44 -20.48 5.07
N ALA A 172 10.17 -19.37 4.36
CA ALA A 172 9.58 -19.44 3.04
C ALA A 172 10.63 -19.72 2.01
N ASN A 173 10.58 -20.90 1.40
CA ASN A 173 11.58 -21.35 0.42
C ASN A 173 11.16 -21.22 -1.03
N GLY A 174 9.96 -20.72 -1.27
CA GLY A 174 9.42 -20.50 -2.59
C GLY A 174 9.91 -19.19 -3.19
N VAL A 175 9.03 -18.57 -3.94
CA VAL A 175 9.30 -17.30 -4.55
C VAL A 175 9.67 -16.27 -3.50
N CYS A 176 10.70 -15.48 -3.72
CA CYS A 176 11.02 -14.34 -2.88
C CYS A 176 11.50 -13.19 -3.78
N LYS A 177 10.76 -12.09 -3.80
CA LYS A 177 11.16 -10.93 -4.58
C LYS A 177 10.67 -9.62 -4.01
N SER A 178 11.26 -8.54 -4.53
CA SER A 178 10.71 -7.20 -4.29
C SER A 178 10.35 -6.60 -5.66
N ILE A 179 9.28 -5.81 -5.67
CA ILE A 179 8.83 -5.07 -6.85
C ILE A 179 8.88 -3.59 -6.49
N ASN A 180 9.33 -2.78 -7.45
CA ASN A 180 9.37 -1.34 -7.31
C ASN A 180 8.70 -0.67 -8.51
N THR A 181 7.52 -0.10 -8.22
CA THR A 181 6.79 0.74 -9.15
C THR A 181 6.35 2.01 -8.40
N ALA A 182 7.25 2.54 -7.56
CA ALA A 182 6.99 3.77 -6.77
C ALA A 182 5.66 3.58 -6.03
N CYS A 183 4.68 4.48 -6.21
CA CYS A 183 3.41 4.44 -5.48
C CYS A 183 2.58 3.23 -5.74
N SER A 184 2.87 2.50 -6.85
CA SER A 184 2.14 1.29 -7.19
C SER A 184 2.78 0.03 -6.64
N SER A 185 3.92 0.12 -5.94
CA SER A 185 4.72 -1.08 -5.69
C SER A 185 3.98 -2.24 -5.06
N SER A 186 3.20 -1.98 -3.99
CA SER A 186 2.51 -3.09 -3.34
C SER A 186 1.18 -3.46 -3.97
N ASN A 187 0.62 -2.61 -4.82
CA ASN A 187 -0.48 -3.08 -5.66
C ASN A 187 0.03 -4.08 -6.67
N ASP A 188 1.15 -3.80 -7.31
CA ASP A 188 1.80 -4.76 -8.20
C ASP A 188 2.28 -6.00 -7.45
N ALA A 189 2.78 -5.85 -6.19
CA ALA A 189 3.17 -7.02 -5.44
C ALA A 189 2.00 -7.99 -5.23
N ILE A 190 0.90 -7.44 -4.71
CA ILE A 190 -0.28 -8.28 -4.47
C ILE A 190 -0.78 -8.90 -5.79
N GLY A 191 -0.79 -8.13 -6.86
CA GLY A 191 -1.18 -8.67 -8.17
C GLY A 191 -0.27 -9.81 -8.61
N ASP A 192 1.03 -9.66 -8.46
CA ASP A 192 2.00 -10.70 -8.85
C ASP A 192 1.80 -11.96 -8.03
N ALA A 193 1.61 -11.82 -6.72
CA ALA A 193 1.36 -12.99 -5.86
C ALA A 193 0.04 -13.68 -6.22
N PHE A 194 -0.99 -12.90 -6.46
CA PHE A 194 -2.26 -13.41 -6.95
C PHE A 194 -2.07 -14.23 -8.22
N ARG A 195 -1.34 -13.70 -9.19
CA ARG A 195 -1.10 -14.44 -10.43
C ARG A 195 -0.27 -15.72 -10.21
N SER A 196 0.72 -15.70 -9.31
CA SER A 196 1.50 -16.90 -8.99
C SER A 196 0.61 -18.01 -8.48
N ILE A 197 -0.29 -17.69 -7.56
CA ILE A 197 -1.18 -18.70 -6.98
C ILE A 197 -2.23 -19.13 -7.99
N LYS A 198 -2.81 -18.17 -8.70
CA LYS A 198 -3.81 -18.47 -9.72
C LYS A 198 -3.31 -19.47 -10.77
N PHE A 199 -2.06 -19.35 -11.19
CA PHE A 199 -1.42 -20.17 -12.20
C PHE A 199 -0.63 -21.35 -11.64
N GLY A 200 -0.79 -21.64 -10.35
CA GLY A 200 -0.38 -22.92 -9.77
C GLY A 200 1.05 -22.98 -9.28
N PHE A 201 1.78 -21.86 -9.24
CA PHE A 201 3.22 -21.89 -8.85
C PHE A 201 3.44 -21.96 -7.33
N GLN A 202 2.55 -21.36 -6.54
CA GLN A 202 2.67 -21.28 -5.10
C GLN A 202 1.29 -21.56 -4.46
N ASP A 203 1.29 -22.04 -3.23
CA ASP A 203 0.01 -22.23 -2.50
C ASP A 203 -0.27 -21.15 -1.48
N VAL A 204 0.77 -20.51 -0.93
CA VAL A 204 0.64 -19.49 0.13
C VAL A 204 1.70 -18.43 -0.17
N MET A 205 1.30 -17.17 -0.12
CA MET A 205 2.23 -16.02 -0.26
C MET A 205 1.98 -14.99 0.82
N LEU A 206 3.06 -14.54 1.45
CA LEU A 206 3.04 -13.37 2.31
C LEU A 206 3.44 -12.18 1.47
N VAL A 207 2.56 -11.22 1.31
CA VAL A 207 2.75 -10.18 0.31
C VAL A 207 2.29 -8.82 0.74
N GLY A 208 3.06 -7.80 0.44
CA GLY A 208 2.68 -6.44 0.74
C GLY A 208 3.83 -5.48 0.43
N GLY A 209 3.91 -4.43 1.22
CA GLY A 209 4.94 -3.41 1.00
C GLY A 209 5.28 -2.67 2.29
N THR A 210 6.33 -1.89 2.22
CA THR A 210 6.88 -1.18 3.37
C THR A 210 7.63 0.07 2.90
N GLU A 211 7.60 1.13 3.70
CA GLU A 211 8.34 2.36 3.43
C GLU A 211 8.66 3.06 4.76
N ALA A 212 9.89 3.59 4.84
CA ALA A 212 10.33 4.38 5.99
C ALA A 212 11.19 5.51 5.48
N SER A 213 10.54 6.50 4.86
CA SER A 213 11.23 7.54 4.12
C SER A 213 10.95 8.96 4.67
N ILE A 214 10.51 9.08 5.92
CA ILE A 214 10.36 10.40 6.55
C ILE A 214 11.74 10.81 7.08
N THR A 215 12.59 11.21 6.15
CA THR A 215 13.99 11.54 6.42
C THR A 215 14.33 12.88 5.79
N PRO A 216 15.41 13.55 6.26
CA PRO A 216 15.78 14.81 5.62
C PRO A 216 15.94 14.66 4.11
N PHE A 217 16.69 13.66 3.66
CA PHE A 217 16.93 13.50 2.25
C PHE A 217 15.67 13.26 1.42
N ALA A 218 14.85 12.31 1.84
CA ALA A 218 13.68 11.94 1.04
C ALA A 218 12.63 13.09 1.01
N ILE A 219 12.42 13.76 2.16
CA ILE A 219 11.54 14.91 2.17
C ILE A 219 12.11 15.99 1.28
N ALA A 220 13.42 16.25 1.38
CA ALA A 220 14.03 17.29 0.53
C ALA A 220 13.87 16.95 -0.94
N GLY A 221 13.98 15.66 -1.30
CA GLY A 221 13.82 15.25 -2.66
C GLY A 221 12.41 15.43 -3.18
N PHE A 222 11.39 15.09 -2.40
CA PHE A 222 10.02 15.29 -2.84
C PHE A 222 9.64 16.77 -2.83
N GLN A 223 10.20 17.57 -1.90
CA GLN A 223 9.99 19.02 -1.90
C GLN A 223 10.57 19.63 -3.18
N ALA A 224 11.74 19.15 -3.60
CA ALA A 224 12.41 19.67 -4.81
C ALA A 224 11.63 19.35 -6.07
N LEU A 225 10.90 18.23 -6.05
CA LEU A 225 9.98 17.80 -7.10
C LEU A 225 8.66 18.57 -7.07
N THR A 226 8.45 19.42 -6.07
CA THR A 226 7.22 20.15 -5.84
C THR A 226 6.05 19.19 -5.67
N ALA A 227 6.26 18.06 -5.03
CA ALA A 227 5.24 17.02 -4.95
C ALA A 227 4.50 17.07 -3.59
N LEU A 228 5.04 17.78 -2.61
CA LEU A 228 4.53 17.79 -1.24
C LEU A 228 3.69 19.03 -0.95
N SER A 229 2.59 18.85 -0.21
CA SER A 229 1.86 19.99 0.31
C SER A 229 2.69 20.80 1.28
N THR A 230 2.72 22.13 1.08
CA THR A 230 3.37 23.05 2.02
C THR A 230 2.36 23.68 2.98
N THR A 231 1.11 23.20 3.01
CA THR A 231 0.08 23.74 3.88
C THR A 231 0.44 23.51 5.33
N GLU A 232 0.45 24.60 6.12
CA GLU A 232 0.89 24.53 7.50
C GLU A 232 -0.09 23.77 8.41
N ASP A 233 -1.38 23.99 8.24
CA ASP A 233 -2.40 23.34 9.05
C ASP A 233 -2.47 21.84 8.72
N PRO A 234 -2.07 20.92 9.65
CA PRO A 234 -2.02 19.49 9.31
C PRO A 234 -3.40 18.90 8.98
N THR A 235 -4.50 19.55 9.37
CA THR A 235 -5.82 19.06 9.04
C THR A 235 -6.30 19.46 7.63
N ARG A 236 -5.53 20.31 6.95
CA ARG A 236 -5.92 20.83 5.61
C ARG A 236 -4.83 20.46 4.59
N ALA A 237 -3.88 19.61 4.95
CA ALA A 237 -2.74 19.30 4.05
C ALA A 237 -2.99 18.13 3.11
N SER A 238 -3.64 17.08 3.58
CA SER A 238 -3.98 15.90 2.76
C SER A 238 -5.49 15.94 2.57
N ILE A 239 -5.91 16.49 1.40
CA ILE A 239 -7.33 16.79 1.11
C ILE A 239 -7.68 16.35 -0.33
N PRO A 240 -7.65 15.03 -0.57
CA PRO A 240 -7.85 14.52 -1.92
C PRO A 240 -9.18 14.99 -2.51
N PHE A 241 -9.14 15.39 -3.80
CA PHE A 241 -10.30 15.86 -4.56
C PHE A 241 -10.74 17.28 -4.19
N ASP A 242 -10.15 17.90 -3.17
CA ASP A 242 -10.56 19.23 -2.72
C ASP A 242 -9.98 20.26 -3.61
N LYS A 243 -10.74 21.36 -3.85
CA LYS A 243 -10.26 22.46 -4.64
C LYS A 243 -8.97 23.09 -4.12
N ASP A 244 -8.66 22.96 -2.82
CA ASP A 244 -7.48 23.59 -2.22
C ASP A 244 -6.24 22.66 -2.22
N ARG A 245 -6.34 21.48 -2.80
CA ARG A 245 -5.24 20.50 -2.72
C ARG A 245 -3.98 21.05 -3.43
N ASN A 246 -2.83 20.67 -2.93
CA ASN A 246 -1.58 21.25 -3.36
C ASN A 246 -0.34 20.36 -3.11
N GLY A 247 -0.56 19.03 -3.13
CA GLY A 247 0.52 18.07 -2.96
C GLY A 247 0.25 17.03 -1.89
N PHE A 248 1.06 15.97 -1.88
CA PHE A 248 0.84 14.88 -0.96
C PHE A 248 1.47 15.15 0.41
N VAL A 249 1.06 14.39 1.41
CA VAL A 249 1.69 14.37 2.72
C VAL A 249 2.33 13.00 2.90
N MET A 250 3.64 12.94 3.16
CA MET A 250 4.33 11.65 3.25
C MET A 250 3.93 10.91 4.52
N GLY A 251 3.62 9.61 4.38
CA GLY A 251 3.43 8.71 5.51
C GLY A 251 4.51 7.63 5.50
N GLU A 252 4.40 6.68 6.41
CA GLU A 252 5.34 5.56 6.54
C GLU A 252 4.57 4.35 7.09
N GLY A 253 5.16 3.16 6.93
CA GLY A 253 4.61 1.93 7.53
C GLY A 253 4.59 0.77 6.56
N SER A 254 3.83 -0.25 6.92
CA SER A 254 3.77 -1.47 6.14
C SER A 254 2.41 -2.12 6.27
N GLY A 255 1.93 -2.72 5.16
CA GLY A 255 0.83 -3.69 5.17
C GLY A 255 1.30 -4.99 4.61
N MET A 256 0.89 -6.11 5.18
CA MET A 256 1.22 -7.43 4.70
C MET A 256 -0.02 -8.32 4.75
N LEU A 257 -0.27 -9.08 3.69
CA LEU A 257 -1.39 -9.98 3.54
C LEU A 257 -0.92 -11.43 3.37
N VAL A 258 -1.70 -12.38 3.91
CA VAL A 258 -1.57 -13.79 3.58
C VAL A 258 -2.56 -14.13 2.48
N LEU A 259 -2.04 -14.50 1.30
CA LEU A 259 -2.86 -15.03 0.20
C LEU A 259 -2.65 -16.55 0.12
N GLU A 260 -3.73 -17.28 -0.18
CA GLU A 260 -3.68 -18.74 -0.33
C GLU A 260 -4.54 -19.11 -1.53
N SER A 261 -4.23 -20.24 -2.14
CA SER A 261 -5.19 -20.84 -3.06
C SER A 261 -6.46 -21.17 -2.27
N LEU A 262 -7.61 -21.12 -2.93
CA LEU A 262 -8.84 -21.54 -2.27
C LEU A 262 -8.71 -22.98 -1.73
N GLU A 263 -8.16 -23.90 -2.52
CA GLU A 263 -8.01 -25.28 -2.08
C GLU A 263 -7.16 -25.39 -0.81
N HIS A 264 -6.02 -24.65 -0.77
CA HIS A 264 -5.15 -24.71 0.39
C HIS A 264 -5.83 -24.17 1.66
N ALA A 265 -6.52 -23.06 1.51
CA ALA A 265 -7.19 -22.41 2.64
C ALA A 265 -8.28 -23.37 3.18
N GLU A 266 -9.08 -23.96 2.28
CA GLU A 266 -10.25 -24.76 2.74
C GLU A 266 -9.78 -26.07 3.33
N LYS A 267 -8.73 -26.63 2.79
CA LYS A 267 -8.21 -27.92 3.28
C LYS A 267 -7.72 -27.81 4.71
N ARG A 268 -7.15 -26.66 5.09
CA ARG A 268 -6.66 -26.48 6.42
C ARG A 268 -7.70 -25.84 7.36
N GLY A 269 -8.89 -25.50 6.87
CA GLY A 269 -9.93 -24.92 7.71
C GLY A 269 -9.69 -23.45 8.04
N ALA A 270 -9.03 -22.71 7.13
CA ALA A 270 -8.76 -21.30 7.37
C ALA A 270 -10.04 -20.49 7.39
N THR A 271 -9.97 -19.36 8.09
CA THR A 271 -11.00 -18.35 8.01
C THR A 271 -10.69 -17.40 6.84
N ILE A 272 -11.58 -17.35 5.87
CA ILE A 272 -11.35 -16.57 4.67
C ILE A 272 -11.96 -15.18 4.79
N LEU A 273 -11.19 -14.14 4.46
CA LEU A 273 -11.58 -12.76 4.70
C LEU A 273 -12.05 -12.00 3.45
N ALA A 274 -11.61 -12.44 2.28
CA ALA A 274 -11.94 -11.84 1.01
C ALA A 274 -11.34 -12.68 -0.12
N GLU A 275 -11.77 -12.42 -1.35
CA GLU A 275 -11.19 -13.10 -2.54
C GLU A 275 -10.56 -12.03 -3.42
N VAL A 276 -9.38 -12.34 -3.97
CA VAL A 276 -8.79 -11.49 -5.01
C VAL A 276 -9.21 -12.01 -6.37
N VAL A 277 -9.81 -11.16 -7.19
CA VAL A 277 -10.44 -11.60 -8.43
C VAL A 277 -9.91 -10.94 -9.69
N GLY A 278 -9.19 -9.82 -9.60
CA GLY A 278 -8.64 -9.20 -10.78
C GLY A 278 -7.50 -8.23 -10.52
N TYR A 279 -6.66 -8.05 -11.55
CA TYR A 279 -5.47 -7.21 -11.47
C TYR A 279 -5.25 -6.58 -12.84
N GLY A 280 -5.10 -5.28 -12.91
CA GLY A 280 -4.79 -4.54 -14.10
C GLY A 280 -3.54 -3.72 -13.96
N ASN A 281 -2.57 -3.85 -14.84
CA ASN A 281 -1.37 -3.05 -14.76
C ASN A 281 -1.06 -2.52 -16.15
N THR A 282 -0.96 -1.21 -16.27
CA THR A 282 -0.66 -0.54 -17.53
C THR A 282 0.35 0.56 -17.28
N CYS A 283 0.81 1.24 -18.32
CA CYS A 283 1.79 2.26 -18.24
C CYS A 283 1.35 3.44 -19.08
N ASP A 284 1.43 4.64 -18.52
CA ASP A 284 1.04 5.84 -19.24
C ASP A 284 2.00 6.05 -20.40
N ALA A 285 3.26 5.74 -20.21
CA ALA A 285 4.35 6.08 -21.14
C ALA A 285 4.16 7.54 -21.60
N TYR A 286 3.98 8.45 -20.63
CA TYR A 286 3.54 9.82 -20.90
C TYR A 286 4.48 10.82 -20.25
N HIS A 287 4.58 10.82 -18.92
CA HIS A 287 5.45 11.74 -18.17
C HIS A 287 6.13 10.96 -17.04
N MET A 288 7.35 11.36 -16.68
CA MET A 288 8.13 10.67 -15.66
C MET A 288 7.49 10.71 -14.26
N THR A 289 6.80 11.80 -13.91
CA THR A 289 6.19 11.92 -12.56
C THR A 289 4.74 12.39 -12.49
N SER A 290 4.25 13.06 -13.54
CA SER A 290 2.86 13.49 -13.57
C SER A 290 2.00 12.42 -14.25
N PRO A 291 0.82 12.11 -13.71
CA PRO A 291 -0.10 11.16 -14.34
C PRO A 291 -0.68 11.75 -15.59
N HIS A 292 -1.06 10.89 -16.54
CA HIS A 292 -1.71 11.38 -17.74
C HIS A 292 -2.92 12.27 -17.34
N PRO A 293 -3.04 13.45 -17.92
CA PRO A 293 -4.01 14.44 -17.42
C PRO A 293 -5.47 14.02 -17.52
N GLU A 294 -5.78 13.13 -18.47
CA GLU A 294 -7.14 12.58 -18.62
C GLU A 294 -7.23 11.14 -18.12
N GLY A 295 -6.21 10.65 -17.39
CA GLY A 295 -6.29 9.31 -16.82
C GLY A 295 -6.37 8.19 -17.87
N GLN A 296 -5.75 8.37 -19.04
CA GLN A 296 -5.86 7.37 -20.13
C GLN A 296 -5.31 5.95 -19.76
N GLY A 297 -4.16 5.88 -19.11
CA GLY A 297 -3.61 4.59 -18.66
C GLY A 297 -4.40 4.02 -17.50
N ALA A 298 -4.93 4.89 -16.64
CA ALA A 298 -5.77 4.47 -15.52
C ALA A 298 -7.04 3.81 -15.99
N ILE A 299 -7.69 4.36 -17.05
CA ILE A 299 -8.89 3.76 -17.62
C ILE A 299 -8.63 2.29 -18.03
N LYS A 300 -7.53 2.08 -18.75
CA LYS A 300 -7.21 0.75 -19.27
C LYS A 300 -6.90 -0.22 -18.13
N ALA A 301 -6.26 0.26 -17.06
CA ALA A 301 -5.93 -0.60 -15.89
C ALA A 301 -7.19 -1.03 -15.15
N ILE A 302 -8.14 -0.09 -15.01
CA ILE A 302 -9.43 -0.43 -14.36
C ILE A 302 -10.17 -1.49 -15.18
N LYS A 303 -10.24 -1.28 -16.49
CA LYS A 303 -10.93 -2.22 -17.37
C LYS A 303 -10.28 -3.62 -17.33
N LEU A 304 -8.95 -3.71 -17.29
CA LEU A 304 -8.28 -5.00 -17.24
C LEU A 304 -8.64 -5.75 -15.96
N ALA A 305 -8.70 -5.04 -14.82
CA ALA A 305 -9.03 -5.69 -13.54
C ALA A 305 -10.48 -6.27 -13.60
N LEU A 306 -11.40 -5.48 -14.12
CA LEU A 306 -12.81 -5.91 -14.22
C LEU A 306 -12.97 -7.10 -15.17
N GLU A 307 -12.21 -7.07 -16.27
CA GLU A 307 -12.30 -8.16 -17.26
C GLU A 307 -11.80 -9.47 -16.63
N GLU A 308 -10.70 -9.43 -15.87
CA GLU A 308 -10.11 -10.60 -15.29
C GLU A 308 -11.10 -11.17 -14.22
N ALA A 309 -11.75 -10.28 -13.49
CA ALA A 309 -12.70 -10.61 -12.41
C ALA A 309 -14.07 -11.06 -12.96
N GLU A 310 -14.29 -10.87 -14.25
CA GLU A 310 -15.58 -11.22 -14.90
C GLU A 310 -16.78 -10.48 -14.31
N ILE A 311 -16.57 -9.20 -14.05
CA ILE A 311 -17.66 -8.36 -13.55
C ILE A 311 -17.89 -7.18 -14.45
N SER A 312 -19.12 -6.68 -14.42
CA SER A 312 -19.50 -5.48 -15.12
C SER A 312 -19.23 -4.27 -14.25
N PRO A 313 -19.09 -3.11 -14.89
CA PRO A 313 -18.87 -1.85 -14.12
C PRO A 313 -19.87 -1.60 -12.99
N GLU A 314 -21.14 -1.90 -13.24
CA GLU A 314 -22.19 -1.65 -12.25
C GLU A 314 -22.07 -2.49 -10.98
N GLN A 315 -21.24 -3.54 -10.99
CA GLN A 315 -21.05 -4.41 -9.84
C GLN A 315 -20.01 -3.84 -8.86
N VAL A 316 -19.22 -2.86 -9.31
CA VAL A 316 -18.21 -2.25 -8.41
C VAL A 316 -18.96 -1.33 -7.40
N ALA A 317 -18.83 -1.60 -6.10
CA ALA A 317 -19.60 -0.88 -5.07
C ALA A 317 -18.74 0.13 -4.26
N TYR A 318 -17.42 0.15 -4.47
CA TYR A 318 -16.53 1.10 -3.80
C TYR A 318 -15.22 1.17 -4.57
N VAL A 319 -14.66 2.38 -4.73
CA VAL A 319 -13.32 2.61 -5.23
C VAL A 319 -12.46 3.28 -4.11
N ASN A 320 -11.38 2.60 -3.68
CA ASN A 320 -10.35 3.22 -2.87
C ASN A 320 -9.38 3.88 -3.84
N ALA A 321 -9.45 5.17 -3.98
CA ALA A 321 -8.69 5.92 -4.93
C ALA A 321 -7.18 5.92 -4.61
N HIS A 322 -6.38 6.21 -5.62
CA HIS A 322 -4.98 6.58 -5.43
C HIS A 322 -4.97 7.88 -4.61
N GLY A 323 -5.63 8.90 -5.13
CA GLY A 323 -5.98 10.07 -4.34
C GLY A 323 -4.90 10.66 -3.46
N THR A 324 -3.79 11.09 -4.04
CA THR A 324 -2.65 11.62 -3.28
C THR A 324 -2.81 13.08 -2.80
N SER A 325 -3.83 13.78 -3.29
CA SER A 325 -4.05 15.18 -2.97
C SER A 325 -3.24 16.12 -3.85
N THR A 326 -3.13 15.78 -5.15
CA THR A 326 -2.51 16.70 -6.14
C THR A 326 -3.55 17.15 -7.14
N PRO A 327 -3.43 18.39 -7.64
CA PRO A 327 -4.33 18.86 -8.72
C PRO A 327 -4.44 17.88 -9.91
N ALA A 328 -3.32 17.51 -10.49
CA ALA A 328 -3.33 16.67 -11.66
C ALA A 328 -3.83 15.25 -11.40
N ASN A 329 -3.48 14.67 -10.25
CA ASN A 329 -3.92 13.33 -10.03
C ASN A 329 -5.44 13.23 -9.98
N GLU A 330 -6.10 13.97 -9.10
CA GLU A 330 -7.51 13.69 -8.90
C GLU A 330 -8.35 14.15 -10.12
N LYS A 331 -7.89 15.15 -10.86
CA LYS A 331 -8.60 15.50 -12.11
C LYS A 331 -8.66 14.26 -13.06
N GLY A 332 -7.51 13.65 -13.33
CA GLY A 332 -7.47 12.49 -14.23
C GLY A 332 -8.11 11.26 -13.63
N GLU A 333 -7.90 11.06 -12.33
CA GLU A 333 -8.38 9.87 -11.67
C GLU A 333 -9.91 9.90 -11.60
N SER A 334 -10.48 11.05 -11.22
CA SER A 334 -11.96 11.18 -11.30
C SER A 334 -12.48 10.93 -12.75
N GLY A 335 -11.78 11.48 -13.71
CA GLY A 335 -12.16 11.26 -15.09
C GLY A 335 -12.15 9.79 -15.45
N ALA A 336 -11.11 9.06 -15.04
CA ALA A 336 -10.99 7.62 -15.32
C ALA A 336 -12.08 6.81 -14.66
N ILE A 337 -12.35 7.11 -13.38
CA ILE A 337 -13.40 6.39 -12.65
C ILE A 337 -14.77 6.64 -13.30
N VAL A 338 -15.06 7.88 -13.61
CA VAL A 338 -16.34 8.21 -14.30
C VAL A 338 -16.43 7.51 -15.66
N ALA A 339 -15.34 7.54 -16.43
CA ALA A 339 -15.36 6.91 -17.78
C ALA A 339 -15.74 5.45 -17.70
N VAL A 340 -15.15 4.69 -16.77
CA VAL A 340 -15.38 3.25 -16.69
C VAL A 340 -16.58 2.86 -15.85
N LEU A 341 -16.75 3.50 -14.67
CA LEU A 341 -17.73 3.08 -13.68
C LEU A 341 -18.89 4.04 -13.51
N GLY A 342 -18.77 5.28 -13.92
CA GLY A 342 -19.86 6.28 -13.80
C GLY A 342 -19.77 7.13 -12.53
N LYS A 343 -20.83 7.91 -12.35
CA LYS A 343 -20.90 8.97 -11.35
C LYS A 343 -21.55 8.57 -10.05
N GLU A 344 -22.01 7.34 -9.92
CA GLU A 344 -22.69 6.90 -8.70
C GLU A 344 -21.79 6.12 -7.74
N VAL A 345 -20.83 5.35 -8.26
CA VAL A 345 -20.02 4.50 -7.36
C VAL A 345 -19.27 5.40 -6.34
N PRO A 346 -19.37 5.05 -5.06
CA PRO A 346 -18.67 5.83 -4.03
C PRO A 346 -17.13 5.70 -4.13
N VAL A 347 -16.46 6.82 -4.04
CA VAL A 347 -14.99 6.90 -4.14
C VAL A 347 -14.47 7.60 -2.87
N SER A 348 -13.45 7.04 -2.23
CA SER A 348 -12.77 7.79 -1.17
C SER A 348 -11.27 7.54 -1.23
N SER A 349 -10.48 8.50 -0.76
CA SER A 349 -9.06 8.33 -0.59
C SER A 349 -8.70 8.34 0.88
N THR A 350 -8.11 7.24 1.37
CA THR A 350 -7.68 7.17 2.73
C THR A 350 -6.26 7.71 2.96
N LYS A 351 -5.63 8.25 1.91
CA LYS A 351 -4.40 9.02 2.14
C LYS A 351 -4.67 10.28 2.95
N SER A 352 -5.94 10.68 2.99
CA SER A 352 -6.43 11.74 3.88
C SER A 352 -6.23 11.39 5.37
N PHE A 353 -6.15 10.12 5.69
CA PHE A 353 -5.88 9.63 7.05
C PHE A 353 -4.43 9.19 7.24
N THR A 354 -3.91 8.39 6.31
CA THR A 354 -2.61 7.71 6.48
C THR A 354 -1.42 8.47 5.94
N GLY A 355 -1.67 9.55 5.16
CA GLY A 355 -0.65 10.04 4.28
C GLY A 355 -0.36 9.07 3.15
N HIS A 356 0.57 9.45 2.31
CA HIS A 356 0.99 8.62 1.17
C HIS A 356 2.09 7.67 1.63
N LEU A 357 1.75 6.38 1.68
CA LEU A 357 2.72 5.36 2.17
C LEU A 357 3.62 4.85 1.05
N LEU A 358 3.57 5.44 -0.13
CA LEU A 358 4.54 5.13 -1.18
C LEU A 358 4.53 3.66 -1.51
N GLY A 359 5.64 2.95 -1.36
CA GLY A 359 5.64 1.53 -1.68
C GLY A 359 4.70 0.67 -0.84
N ALA A 360 4.28 1.15 0.31
CA ALA A 360 3.33 0.45 1.18
C ALA A 360 1.88 0.86 0.94
N ALA A 361 1.63 1.85 0.08
CA ALA A 361 0.27 2.37 -0.09
C ALA A 361 -0.69 1.27 -0.57
N GLY A 362 -0.31 0.48 -1.59
CA GLY A 362 -1.26 -0.48 -2.11
C GLY A 362 -1.63 -1.54 -1.07
N ALA A 363 -0.69 -2.00 -0.25
CA ALA A 363 -1.00 -3.02 0.72
C ALA A 363 -1.93 -2.47 1.81
N VAL A 364 -1.63 -1.29 2.36
CA VAL A 364 -2.49 -0.73 3.40
C VAL A 364 -3.88 -0.42 2.82
N GLU A 365 -3.93 0.04 1.57
CA GLU A 365 -5.22 0.32 0.93
C GLU A 365 -6.01 -0.94 0.57
N ALA A 366 -5.32 -2.06 0.36
CA ALA A 366 -6.01 -3.34 0.18
C ALA A 366 -6.68 -3.72 1.52
N ILE A 367 -6.00 -3.51 2.65
CA ILE A 367 -6.59 -3.71 3.95
C ILE A 367 -7.80 -2.80 4.18
N VAL A 368 -7.68 -1.52 3.85
CA VAL A 368 -8.85 -0.61 3.92
C VAL A 368 -10.02 -1.22 3.16
N THR A 369 -9.77 -1.65 1.91
CA THR A 369 -10.83 -2.10 1.03
C THR A 369 -11.50 -3.36 1.54
N ILE A 370 -10.71 -4.31 2.02
CA ILE A 370 -11.24 -5.53 2.60
C ILE A 370 -12.06 -5.22 3.84
N GLU A 371 -11.51 -4.40 4.74
CA GLU A 371 -12.21 -4.00 5.96
C GLU A 371 -13.54 -3.27 5.63
N ALA A 372 -13.56 -2.46 4.58
CA ALA A 372 -14.79 -1.75 4.18
C ALA A 372 -15.84 -2.80 3.80
N MET A 373 -15.45 -3.82 3.03
CA MET A 373 -16.39 -4.86 2.60
C MET A 373 -16.88 -5.62 3.82
N ARG A 374 -16.01 -5.91 4.78
CA ARG A 374 -16.40 -6.69 5.94
C ARG A 374 -17.28 -5.90 6.92
N HIS A 375 -17.19 -4.57 6.89
CA HIS A 375 -18.00 -3.72 7.79
C HIS A 375 -19.20 -3.07 7.11
N ASN A 376 -19.39 -3.31 5.82
CA ASN A 376 -20.49 -2.67 5.10
C ASN A 376 -20.42 -1.14 5.24
N PHE A 377 -19.24 -0.57 5.02
CA PHE A 377 -18.98 0.84 5.30
C PHE A 377 -17.86 1.42 4.42
N VAL A 378 -18.19 2.43 3.66
CA VAL A 378 -17.21 3.19 2.87
C VAL A 378 -16.58 4.30 3.76
N PRO A 379 -15.30 4.20 4.08
CA PRO A 379 -14.68 5.28 4.86
C PRO A 379 -14.68 6.58 4.09
N MET A 380 -14.84 7.71 4.79
CA MET A 380 -14.77 8.98 4.15
C MET A 380 -13.35 9.36 3.68
N THR A 381 -13.30 10.34 2.80
CA THR A 381 -12.10 11.15 2.58
C THR A 381 -12.07 12.23 3.66
N ALA A 382 -11.21 12.08 4.64
CA ALA A 382 -11.06 13.10 5.69
C ALA A 382 -10.56 14.43 5.12
N GLY A 383 -10.83 15.52 5.84
CA GLY A 383 -10.32 16.84 5.51
C GLY A 383 -11.06 17.58 4.40
N THR A 384 -11.28 16.88 3.30
CA THR A 384 -11.93 17.46 2.10
C THR A 384 -13.32 18.00 2.47
N SER A 385 -13.62 19.17 1.87
CA SER A 385 -14.85 19.93 2.15
C SER A 385 -15.55 20.40 0.88
N GLU A 386 -14.76 20.75 -0.12
CA GLU A 386 -15.25 21.40 -1.31
C GLU A 386 -14.50 20.78 -2.51
N VAL A 387 -15.18 19.87 -3.17
CA VAL A 387 -14.60 19.14 -4.25
C VAL A 387 -14.57 20.04 -5.47
N SER A 388 -13.49 20.01 -6.24
CA SER A 388 -13.37 20.79 -7.47
C SER A 388 -14.60 20.66 -8.35
N ASP A 389 -15.03 21.80 -8.91
CA ASP A 389 -16.23 21.86 -9.79
C ASP A 389 -16.27 20.86 -10.93
N TYR A 390 -15.10 20.57 -11.52
CA TYR A 390 -15.02 19.69 -12.70
C TYR A 390 -14.98 18.21 -12.29
N ILE A 391 -14.87 17.90 -11.00
CA ILE A 391 -14.81 16.49 -10.57
C ILE A 391 -16.18 15.90 -10.49
N GLU A 392 -16.44 14.90 -11.32
CA GLU A 392 -17.77 14.31 -11.46
C GLU A 392 -17.98 13.02 -10.69
N ALA A 393 -16.90 12.44 -10.12
CA ALA A 393 -17.04 11.21 -9.35
C ALA A 393 -17.79 11.45 -8.05
N ASN A 394 -18.40 10.40 -7.52
CA ASN A 394 -19.10 10.47 -6.24
C ASN A 394 -18.06 10.37 -5.09
N VAL A 395 -17.40 11.47 -4.81
CA VAL A 395 -16.41 11.53 -3.75
C VAL A 395 -17.10 11.59 -2.38
N VAL A 396 -16.80 10.62 -1.51
CA VAL A 396 -17.34 10.60 -0.16
C VAL A 396 -16.48 11.42 0.77
N TYR A 397 -17.10 12.43 1.39
CA TYR A 397 -16.37 13.31 2.34
C TYR A 397 -17.40 13.73 3.40
N GLY A 398 -16.91 14.28 4.50
CA GLY A 398 -17.79 14.71 5.62
C GLY A 398 -18.10 13.61 6.59
N GLN A 399 -18.63 12.49 6.08
CA GLN A 399 -18.90 11.28 6.84
C GLN A 399 -18.88 10.08 5.90
N GLY A 400 -18.61 8.90 6.43
CA GLY A 400 -18.59 7.67 5.62
C GLY A 400 -20.01 7.20 5.31
N LEU A 401 -20.13 6.17 4.47
CA LEU A 401 -21.40 5.72 3.93
C LEU A 401 -21.67 4.28 4.32
N GLU A 402 -22.82 4.00 4.93
CA GLU A 402 -23.23 2.63 5.22
C GLU A 402 -23.72 2.01 3.92
N LYS A 403 -23.13 0.89 3.49
CA LYS A 403 -23.62 0.18 2.32
C LYS A 403 -23.01 -1.19 2.14
N GLU A 404 -23.75 -2.04 1.45
CA GLU A 404 -23.26 -3.35 1.07
C GLU A 404 -22.21 -3.17 -0.04
N ILE A 405 -21.09 -3.85 0.12
CA ILE A 405 -19.97 -3.74 -0.82
C ILE A 405 -19.57 -5.16 -1.29
N PRO A 406 -20.27 -5.73 -2.30
CA PRO A 406 -19.94 -7.08 -2.74
C PRO A 406 -18.68 -7.22 -3.57
N TYR A 407 -18.28 -6.15 -4.22
CA TYR A 407 -17.03 -6.04 -5.01
C TYR A 407 -16.49 -4.64 -4.82
N ALA A 408 -15.16 -4.46 -4.89
CA ALA A 408 -14.52 -3.19 -4.74
C ALA A 408 -13.19 -3.19 -5.46
N ILE A 409 -12.72 -2.02 -5.82
CA ILE A 409 -11.37 -1.89 -6.39
C ILE A 409 -10.52 -0.90 -5.62
N SER A 410 -9.21 -1.04 -5.73
CA SER A 410 -8.24 -0.09 -5.16
C SER A 410 -7.20 0.27 -6.22
N ASN A 411 -7.07 1.57 -6.47
CA ASN A 411 -6.18 2.16 -7.45
C ASN A 411 -4.87 2.66 -6.87
N THR A 412 -3.79 2.52 -7.65
CA THR A 412 -2.54 3.26 -7.42
C THR A 412 -1.99 3.66 -8.79
N PHE A 413 -1.60 4.93 -8.92
CA PHE A 413 -1.17 5.51 -10.24
C PHE A 413 0.12 6.28 -9.94
N GLY A 414 1.28 5.58 -10.01
CA GLY A 414 2.55 6.04 -9.45
C GLY A 414 3.56 6.75 -10.31
N PHE A 415 4.46 7.46 -9.65
CA PHE A 415 5.55 8.15 -10.31
C PHE A 415 6.29 7.14 -11.22
N GLY A 416 6.52 7.52 -12.49
CA GLY A 416 7.05 6.65 -13.52
C GLY A 416 6.00 6.09 -14.48
N GLY A 417 4.74 6.50 -14.28
CA GLY A 417 3.66 6.05 -15.14
C GLY A 417 3.02 4.72 -14.85
N HIS A 418 3.31 4.13 -13.68
CA HIS A 418 2.89 2.78 -13.34
C HIS A 418 1.46 2.76 -12.77
N ASN A 419 0.55 2.19 -13.52
CA ASN A 419 -0.83 2.08 -13.08
C ASN A 419 -1.13 0.68 -12.63
N ALA A 420 -1.78 0.53 -11.47
CA ALA A 420 -2.17 -0.80 -10.96
C ALA A 420 -3.51 -0.71 -10.26
N VAL A 421 -4.39 -1.65 -10.63
CA VAL A 421 -5.72 -1.73 -10.01
C VAL A 421 -5.95 -3.16 -9.54
N LEU A 422 -6.41 -3.30 -8.32
CA LEU A 422 -6.83 -4.61 -7.78
C LEU A 422 -8.35 -4.65 -7.59
N ALA A 423 -8.97 -5.76 -7.95
CA ALA A 423 -10.40 -6.04 -7.70
C ALA A 423 -10.53 -7.16 -6.71
N PHE A 424 -11.38 -6.90 -5.70
CA PHE A 424 -11.67 -7.79 -4.62
C PHE A 424 -13.17 -8.15 -4.62
N LYS A 425 -13.45 -9.36 -4.16
CA LYS A 425 -14.82 -9.86 -4.00
C LYS A 425 -15.00 -10.22 -2.53
N ARG A 426 -16.14 -9.79 -2.00
CA ARG A 426 -16.52 -10.15 -0.63
C ARG A 426 -16.69 -11.66 -0.48
N TRP A 427 -16.26 -12.24 0.63
CA TRP A 427 -16.37 -13.71 0.85
C TRP A 427 -17.66 -14.21 1.61
N GLU A 428 -18.00 -15.51 1.44
CA GLU A 428 -19.10 -16.38 2.07
C GLU A 428 -18.94 -17.49 3.24
MG MG B . -6.01 2.93 -3.41
MG MG C . -3.25 4.89 17.68
#